data_4A7J
#
_entry.id   4A7J
#
_cell.length_a   52.600
_cell.length_b   46.800
_cell.length_c   65.000
_cell.angle_alpha   90.00
_cell.angle_beta   104.33
_cell.angle_gamma   90.00
#
_symmetry.space_group_name_H-M   'P 1 21 1'
#
loop_
_entity.id
_entity.type
_entity.pdbx_description
1 polymer 'WD REPEAT-CONTAINING PROTEIN 5'
2 polymer 'HISTONE H3.1T'
3 water water
#
loop_
_entity_poly.entity_id
_entity_poly.type
_entity_poly.pdbx_seq_one_letter_code
_entity_poly.pdbx_strand_id
1 'polypeptide(L)'
;GPLGSSATQSKPTPVKPNYALKFTLAGHTKAVSSVKFSPNGEWLASSSADKLIKIWGAYDGKFEKTISGHKLGISDVAWS
SDSNLLVSASDDKTLKIWDVSSGKCLKTLKGHSNYVFCCNFNPQSNLIVSGSFDESVRIWDVKTGKCLKTLPAHSDPVSA
VHFNRDGSLIVSSSYDGLCRIWDTASGQCLKTLIDDDNPPVSFVKFSPNGKYILAATLDNTLKLWDYSKGKCLKTYTGHK
NEKYCIFANFSVTGGKWIVSGSEDNLVYIWNLQTKEIVQKLQGHTDVVISTACHPTENIIASAALENDKTIKLWKSDC
;
A
2 'polypeptide(L)' MA(2MR)TKQTARKSTGGKA B
#
# COMPACT_ATOMS: atom_id res chain seq x y z
N LYS A 16 -21.54 -4.63 13.08
CA LYS A 16 -20.96 -3.50 12.30
C LYS A 16 -19.98 -2.76 13.20
N PRO A 17 -18.90 -2.19 12.63
CA PRO A 17 -17.97 -1.47 13.48
C PRO A 17 -18.58 -0.08 13.66
N ASN A 18 -17.93 0.78 14.42
CA ASN A 18 -18.48 2.12 14.59
C ASN A 18 -17.35 3.13 14.62
N TYR A 19 -16.58 3.15 13.54
CA TYR A 19 -15.47 4.06 13.42
C TYR A 19 -15.91 5.51 13.48
N ALA A 20 -15.22 6.28 14.31
CA ALA A 20 -15.50 7.69 14.48
C ALA A 20 -14.17 8.44 14.40
N LEU A 21 -14.19 9.61 13.78
CA LEU A 21 -12.99 10.43 13.62
C LEU A 21 -12.45 10.92 14.96
N LYS A 22 -11.16 10.73 15.17
CA LYS A 22 -10.53 11.15 16.41
C LYS A 22 -9.48 12.22 16.23
N PHE A 23 -8.83 12.23 15.08
CA PHE A 23 -7.78 13.21 14.82
C PHE A 23 -7.65 13.47 13.34
N THR A 24 -7.26 14.69 12.98
CA THR A 24 -7.03 15.03 11.59
C THR A 24 -5.60 15.57 11.58
N LEU A 25 -4.74 14.96 10.77
CA LEU A 25 -3.34 15.34 10.70
C LEU A 25 -3.02 16.18 9.48
N ALA A 26 -2.62 17.42 9.72
CA ALA A 26 -2.28 18.35 8.64
C ALA A 26 -0.79 18.64 8.67
N GLY A 27 -0.23 18.93 7.51
CA GLY A 27 1.19 19.20 7.41
C GLY A 27 1.71 19.03 5.99
N HIS A 28 1.26 18.01 5.27
CA HIS A 28 1.73 17.84 3.90
C HIS A 28 1.20 19.03 3.07
N THR A 29 1.95 19.39 2.04
CA THR A 29 1.59 20.54 1.21
C THR A 29 1.02 20.19 -0.14
N LYS A 30 1.03 18.92 -0.45
CA LYS A 30 0.42 18.40 -1.65
C LYS A 30 -0.31 17.13 -1.24
N ALA A 31 -0.98 16.50 -2.20
CA ALA A 31 -1.72 15.28 -1.95
C ALA A 31 -0.89 14.22 -1.21
N VAL A 32 -1.52 13.53 -0.28
CA VAL A 32 -0.88 12.45 0.45
C VAL A 32 -1.03 11.23 -0.47
N SER A 33 -0.02 10.35 -0.50
CA SER A 33 -0.08 9.16 -1.37
C SER A 33 -0.29 7.82 -0.64
N SER A 34 0.24 7.69 0.58
CA SER A 34 0.05 6.46 1.35
C SER A 34 0.27 6.72 2.83
N VAL A 35 -0.32 5.86 3.64
CA VAL A 35 -0.18 5.87 5.10
C VAL A 35 0.02 4.42 5.54
N LYS A 36 0.87 4.20 6.54
CA LYS A 36 1.16 2.84 7.02
C LYS A 36 1.53 2.90 8.51
N PHE A 37 0.92 2.03 9.30
CA PHE A 37 1.24 1.94 10.73
C PHE A 37 2.49 1.08 10.92
N SER A 38 3.36 1.47 11.84
CA SER A 38 4.55 0.68 12.09
C SER A 38 4.08 -0.63 12.71
N PRO A 39 4.82 -1.73 12.49
CA PRO A 39 4.42 -3.03 13.07
C PRO A 39 4.27 -3.03 14.58
N ASN A 40 5.11 -2.26 15.27
CA ASN A 40 5.02 -2.21 16.73
C ASN A 40 3.87 -1.31 17.16
N GLY A 41 3.19 -0.71 16.16
CA GLY A 41 2.04 0.16 16.41
C GLY A 41 2.16 1.54 16.99
N GLU A 42 3.37 2.02 17.26
CA GLU A 42 3.46 3.34 17.89
C GLU A 42 3.42 4.50 16.92
N TRP A 43 3.76 4.23 15.65
CA TRP A 43 3.80 5.27 14.63
C TRP A 43 2.91 5.08 13.40
N LEU A 44 2.61 6.20 12.76
CA LEU A 44 1.93 6.20 11.48
C LEU A 44 2.93 6.95 10.58
N ALA A 45 3.27 6.37 9.41
CA ALA A 45 4.16 7.06 8.48
C ALA A 45 3.32 7.49 7.26
N SER A 46 3.62 8.64 6.68
CA SER A 46 2.90 9.08 5.49
C SER A 46 3.87 9.56 4.42
N SER A 47 3.50 9.35 3.16
CA SER A 47 4.29 9.76 2.02
C SER A 47 3.40 10.70 1.21
N SER A 48 4.01 11.60 0.45
CA SER A 48 3.24 12.59 -0.30
C SER A 48 3.87 13.07 -1.60
N ALA A 49 3.05 13.68 -2.44
CA ALA A 49 3.70 14.16 -3.51
C ALA A 49 4.45 15.35 -3.22
N ASP A 50 4.46 15.85 -2.08
CA ASP A 50 5.36 16.93 -1.68
C ASP A 50 6.80 16.52 -1.45
N LYS A 51 7.15 15.28 -1.84
CA LYS A 51 8.50 14.75 -1.72
C LYS A 51 8.89 14.41 -0.28
N LEU A 52 7.93 14.51 0.64
CA LEU A 52 8.22 14.23 2.05
C LEU A 52 7.58 13.00 2.65
N ILE A 53 8.20 12.56 3.73
CA ILE A 53 7.72 11.44 4.53
C ILE A 53 7.54 12.08 5.91
N LYS A 54 6.39 11.83 6.55
CA LYS A 54 6.17 12.37 7.89
C LYS A 54 5.82 11.27 8.83
N ILE A 55 6.26 11.40 10.08
CA ILE A 55 5.99 10.40 11.09
C ILE A 55 5.10 11.04 12.13
N TRP A 56 4.06 10.31 12.52
CA TRP A 56 3.07 10.77 13.48
C TRP A 56 2.82 9.73 14.58
N GLY A 57 2.41 10.20 15.75
CA GLY A 57 2.09 9.28 16.85
C GLY A 57 0.80 8.57 16.42
N ALA A 58 0.80 7.26 16.47
CA ALA A 58 -0.36 6.48 16.03
C ALA A 58 -1.63 6.59 16.85
N TYR A 59 -1.50 6.87 18.15
CA TYR A 59 -2.67 6.93 18.99
C TYR A 59 -3.19 8.32 19.23
N ASP A 60 -2.31 9.32 19.15
CA ASP A 60 -2.73 10.69 19.36
C ASP A 60 -2.48 11.60 18.18
N GLY A 61 -2.04 11.05 17.05
CA GLY A 61 -1.80 11.85 15.89
C GLY A 61 -0.59 12.98 16.02
N LYS A 62 0.02 12.84 17.07
CA LYS A 62 1.18 13.88 17.35
C LYS A 62 2.18 13.91 16.27
N PHE A 63 2.46 14.92 15.62
CA PHE A 63 3.44 15.14 14.58
C PHE A 63 4.78 14.87 15.27
N GLU A 64 5.58 13.95 14.71
CA GLU A 64 6.87 13.62 15.27
C GLU A 64 8.04 14.18 14.43
N LYS A 65 8.09 13.89 13.13
CA LYS A 65 9.15 14.43 12.29
C LYS A 65 8.89 14.36 10.80
N THR A 66 9.72 15.07 10.05
CA THR A 66 9.65 15.08 8.59
C THR A 66 10.95 14.44 8.14
N ILE A 67 10.86 13.56 7.16
CA ILE A 67 12.05 12.90 6.61
C ILE A 67 12.08 13.32 5.17
N SER A 68 13.20 13.87 4.72
CA SER A 68 13.27 14.35 3.34
C SER A 68 14.55 13.99 2.61
N GLY A 69 14.52 14.12 1.28
CA GLY A 69 15.70 13.81 0.49
C GLY A 69 15.35 13.44 -0.93
N HIS A 70 14.16 12.88 -1.16
CA HIS A 70 13.76 12.53 -2.51
C HIS A 70 13.67 13.81 -3.31
N LYS A 71 13.95 13.72 -4.61
CA LYS A 71 13.92 14.90 -5.46
C LYS A 71 12.58 15.17 -6.15
N LEU A 72 11.69 14.18 -6.12
CA LEU A 72 10.36 14.32 -6.69
C LEU A 72 9.37 13.60 -5.78
N GLY A 73 8.08 13.66 -6.12
CA GLY A 73 7.05 13.04 -5.34
C GLY A 73 7.23 11.58 -4.96
N ILE A 74 6.61 11.19 -3.85
CA ILE A 74 6.68 9.80 -3.36
C ILE A 74 5.32 9.11 -3.50
N SER A 75 5.29 7.88 -4.02
CA SER A 75 4.03 7.16 -4.15
C SER A 75 3.75 6.15 -3.07
N ASP A 76 4.78 5.73 -2.35
CA ASP A 76 4.61 4.69 -1.34
C ASP A 76 5.73 4.69 -0.31
N VAL A 77 5.40 4.26 0.91
CA VAL A 77 6.38 4.13 1.98
C VAL A 77 5.97 2.88 2.73
N ALA A 78 6.95 2.11 3.22
CA ALA A 78 6.69 0.86 3.93
C ALA A 78 7.70 0.61 5.06
N TRP A 79 7.23 -0.01 6.14
CA TRP A 79 8.08 -0.29 7.31
C TRP A 79 8.81 -1.62 7.33
N SER A 80 9.98 -1.63 7.97
CA SER A 80 10.70 -2.89 8.17
C SER A 80 9.97 -3.57 9.34
N SER A 81 10.11 -4.89 9.44
CA SER A 81 9.40 -5.62 10.49
C SER A 81 9.69 -5.18 11.93
N ASP A 82 10.89 -4.66 12.20
CA ASP A 82 11.21 -4.21 13.55
C ASP A 82 10.87 -2.74 13.82
N SER A 83 10.17 -2.11 12.87
CA SER A 83 9.75 -0.70 13.00
C SER A 83 10.87 0.32 13.03
N ASN A 84 12.09 -0.08 12.68
CA ASN A 84 13.22 0.85 12.68
C ASN A 84 13.54 1.46 11.33
N LEU A 85 13.16 0.78 10.25
CA LEU A 85 13.44 1.30 8.91
C LEU A 85 12.19 1.52 8.07
N LEU A 86 12.36 2.38 7.07
CA LEU A 86 11.32 2.70 6.10
C LEU A 86 11.97 2.65 4.72
N VAL A 87 11.18 2.32 3.72
CA VAL A 87 11.67 2.37 2.35
C VAL A 87 10.56 3.13 1.63
N SER A 88 10.97 4.06 0.76
CA SER A 88 10.02 4.86 -0.03
C SER A 88 10.28 4.70 -1.52
N ALA A 89 9.23 4.88 -2.32
CA ALA A 89 9.31 4.75 -3.79
C ALA A 89 8.94 6.10 -4.37
N SER A 90 9.83 6.63 -5.19
CA SER A 90 9.64 7.95 -5.74
C SER A 90 9.67 8.09 -7.27
N ASP A 91 9.09 9.19 -7.72
CA ASP A 91 9.07 9.53 -9.13
C ASP A 91 10.51 9.88 -9.56
N ASP A 92 11.41 10.09 -8.61
CA ASP A 92 12.78 10.41 -8.98
C ASP A 92 13.55 9.17 -9.45
N LYS A 93 12.82 8.08 -9.64
CA LYS A 93 13.31 6.79 -10.12
C LYS A 93 14.10 5.99 -9.11
N THR A 94 14.12 6.45 -7.88
CA THR A 94 14.83 5.71 -6.84
C THR A 94 13.90 5.31 -5.69
N LEU A 95 14.43 4.44 -4.84
CA LEU A 95 13.77 4.06 -3.61
C LEU A 95 14.82 4.46 -2.60
N LYS A 96 14.41 4.83 -1.39
CA LYS A 96 15.42 5.16 -0.38
C LYS A 96 15.07 4.43 0.88
N ILE A 97 16.12 3.94 1.56
CA ILE A 97 15.94 3.23 2.83
C ILE A 97 16.31 4.23 3.92
N TRP A 98 15.42 4.40 4.88
CA TRP A 98 15.63 5.37 5.94
C TRP A 98 15.71 4.77 7.33
N ASP A 99 16.51 5.39 8.18
CA ASP A 99 16.60 5.00 9.57
C ASP A 99 15.62 6.00 10.19
N VAL A 100 14.50 5.50 10.73
CA VAL A 100 13.47 6.36 11.30
C VAL A 100 13.91 7.25 12.47
N SER A 101 14.62 6.66 13.42
CA SER A 101 15.10 7.42 14.57
C SER A 101 15.98 8.62 14.20
N SER A 102 16.89 8.44 13.26
CA SER A 102 17.79 9.53 12.88
C SER A 102 17.28 10.37 11.71
N GLY A 103 16.33 9.83 10.95
CA GLY A 103 15.82 10.53 9.81
C GLY A 103 16.79 10.48 8.65
N LYS A 104 17.91 9.80 8.81
CA LYS A 104 18.91 9.73 7.73
C LYS A 104 18.60 8.72 6.61
N CYS A 105 19.05 9.02 5.40
CA CYS A 105 18.88 8.10 4.26
C CYS A 105 20.07 7.11 4.34
N LEU A 106 19.80 5.83 4.55
CA LEU A 106 20.91 4.87 4.62
C LEU A 106 21.42 4.45 3.25
N LYS A 107 20.51 4.26 2.31
CA LYS A 107 20.84 3.81 0.97
C LYS A 107 19.86 4.36 -0.04
N THR A 108 20.33 4.56 -1.27
CA THR A 108 19.44 5.00 -2.32
C THR A 108 19.56 3.88 -3.36
N LEU A 109 18.41 3.31 -3.68
CA LEU A 109 18.35 2.19 -4.59
C LEU A 109 18.07 2.68 -6.02
N LYS A 110 19.09 2.54 -6.86
CA LYS A 110 19.05 2.99 -8.24
C LYS A 110 19.06 1.85 -9.24
N GLY A 111 18.26 1.97 -10.30
CA GLY A 111 18.19 0.92 -11.27
C GLY A 111 16.96 1.04 -11.96
N HIS A 112 15.81 1.39 -11.53
CA HIS A 112 14.59 1.55 -12.34
C HIS A 112 14.80 2.68 -13.34
N SER A 113 14.19 2.53 -14.52
CA SER A 113 14.31 3.56 -15.55
C SER A 113 13.12 4.52 -15.64
N ASN A 114 12.28 4.52 -14.63
CA ASN A 114 11.13 5.42 -14.62
C ASN A 114 10.60 5.48 -13.17
N TYR A 115 9.50 6.19 -12.94
CA TYR A 115 8.97 6.31 -11.58
C TYR A 115 8.90 4.98 -10.84
N VAL A 116 9.25 5.00 -9.55
CA VAL A 116 9.13 3.79 -8.72
C VAL A 116 7.79 4.05 -8.03
N PHE A 117 6.90 3.08 -8.12
CA PHE A 117 5.55 3.24 -7.61
C PHE A 117 5.25 2.60 -6.27
N CYS A 118 5.70 1.37 -6.09
CA CYS A 118 5.40 0.62 -4.88
C CYS A 118 6.61 -0.10 -4.30
N CYS A 119 6.55 -0.39 -2.99
CA CYS A 119 7.66 -1.06 -2.35
C CYS A 119 7.23 -1.77 -1.07
N ASN A 120 8.05 -2.72 -0.63
CA ASN A 120 7.76 -3.45 0.60
C ASN A 120 8.98 -4.25 1.01
N PHE A 121 9.12 -4.45 2.32
CA PHE A 121 10.20 -5.25 2.89
C PHE A 121 9.66 -6.67 3.00
N ASN A 122 10.53 -7.68 2.95
CA ASN A 122 10.05 -9.03 3.16
C ASN A 122 10.01 -9.17 4.71
N PRO A 123 9.38 -10.24 5.21
CA PRO A 123 9.32 -10.42 6.67
C PRO A 123 10.68 -10.39 7.35
N GLN A 124 11.67 -10.97 6.69
CA GLN A 124 13.03 -11.02 7.22
C GLN A 124 13.64 -9.62 7.25
N SER A 125 13.14 -8.76 6.37
CA SER A 125 13.59 -7.39 6.22
C SER A 125 15.01 -7.29 5.66
N ASN A 126 15.46 -8.35 5.00
CA ASN A 126 16.79 -8.35 4.36
C ASN A 126 16.60 -7.99 2.88
N LEU A 127 15.35 -8.03 2.41
CA LEU A 127 15.02 -7.71 1.02
C LEU A 127 13.92 -6.66 0.87
N ILE A 128 13.98 -5.93 -0.22
CA ILE A 128 12.95 -4.95 -0.55
C ILE A 128 12.54 -5.28 -1.96
N VAL A 129 11.23 -5.30 -2.21
CA VAL A 129 10.75 -5.54 -3.55
C VAL A 129 10.12 -4.22 -3.99
N SER A 130 10.24 -3.91 -5.29
CA SER A 130 9.72 -2.67 -5.85
C SER A 130 9.07 -2.88 -7.19
N GLY A 131 8.15 -1.97 -7.54
CA GLY A 131 7.43 -2.02 -8.80
C GLY A 131 7.51 -0.63 -9.41
N SER A 132 7.69 -0.58 -10.72
CA SER A 132 7.87 0.71 -11.37
C SER A 132 7.06 0.91 -12.64
N PHE A 133 7.01 2.15 -13.09
CA PHE A 133 6.33 2.48 -14.32
C PHE A 133 7.13 1.87 -15.47
N ASP A 134 8.36 1.46 -15.18
CA ASP A 134 9.20 0.85 -16.19
C ASP A 134 8.81 -0.60 -16.47
N GLU A 135 7.73 -1.03 -15.83
CA GLU A 135 7.12 -2.35 -16.02
C GLU A 135 7.85 -3.53 -15.37
N SER A 136 8.87 -3.24 -14.58
CA SER A 136 9.62 -4.31 -13.93
C SER A 136 9.37 -4.34 -12.45
N VAL A 137 9.76 -5.47 -11.86
CA VAL A 137 9.72 -5.68 -10.43
C VAL A 137 11.17 -5.94 -10.06
N ARG A 138 11.68 -5.24 -9.05
CA ARG A 138 13.05 -5.47 -8.63
C ARG A 138 13.15 -5.94 -7.18
N ILE A 139 14.19 -6.71 -6.91
CA ILE A 139 14.43 -7.23 -5.59
C ILE A 139 15.78 -6.69 -5.20
N TRP A 140 15.82 -6.01 -4.06
CA TRP A 140 17.05 -5.37 -3.60
C TRP A 140 17.56 -5.92 -2.27
N ASP A 141 18.88 -5.90 -2.14
CA ASP A 141 19.51 -6.32 -0.89
C ASP A 141 19.52 -5.08 0.02
N VAL A 142 18.89 -5.20 1.18
CA VAL A 142 18.80 -4.07 2.11
C VAL A 142 20.14 -3.56 2.63
N LYS A 143 21.01 -4.49 3.00
CA LYS A 143 22.32 -4.13 3.55
C LYS A 143 23.27 -3.50 2.57
N THR A 144 23.23 -3.92 1.31
CA THR A 144 24.15 -3.34 0.32
C THR A 144 23.48 -2.27 -0.51
N GLY A 145 22.15 -2.30 -0.56
CA GLY A 145 21.44 -1.34 -1.34
C GLY A 145 21.59 -1.64 -2.82
N LYS A 146 21.96 -2.87 -3.14
CA LYS A 146 22.13 -3.28 -4.51
C LYS A 146 20.96 -4.11 -5.02
N CYS A 147 20.64 -3.95 -6.31
CA CYS A 147 19.56 -4.70 -6.92
C CYS A 147 20.06 -6.13 -7.14
N LEU A 148 19.29 -7.10 -6.68
CA LEU A 148 19.66 -8.51 -6.81
C LEU A 148 19.08 -9.14 -8.05
N LYS A 149 17.83 -8.79 -8.36
CA LYS A 149 17.16 -9.33 -9.53
C LYS A 149 16.24 -8.31 -10.15
N THR A 150 16.07 -8.40 -11.45
CA THR A 150 15.15 -7.52 -12.13
C THR A 150 14.22 -8.45 -12.87
N LEU A 151 12.94 -8.44 -12.51
CA LEU A 151 11.99 -9.32 -13.17
C LEU A 151 11.16 -8.57 -14.19
N PRO A 152 11.09 -9.09 -15.45
CA PRO A 152 10.30 -8.49 -16.54
C PRO A 152 8.87 -8.93 -16.25
N ALA A 153 8.36 -8.44 -15.13
CA ALA A 153 7.08 -8.84 -14.62
C ALA A 153 5.83 -8.54 -15.39
N HIS A 154 5.75 -7.34 -15.96
CA HIS A 154 4.54 -6.94 -16.65
C HIS A 154 4.76 -6.13 -17.92
N SER A 155 3.66 -5.81 -18.62
CA SER A 155 3.73 -5.02 -19.86
C SER A 155 3.09 -3.64 -19.78
N ASP A 156 3.00 -3.13 -18.55
CA ASP A 156 2.45 -1.79 -18.24
C ASP A 156 2.91 -1.48 -16.82
N PRO A 157 2.69 -0.23 -16.34
CA PRO A 157 3.14 0.08 -14.99
C PRO A 157 2.72 -0.92 -13.91
N VAL A 158 3.63 -1.15 -12.96
CA VAL A 158 3.40 -2.08 -11.84
C VAL A 158 2.80 -1.33 -10.66
N SER A 159 1.56 -1.68 -10.30
CA SER A 159 0.85 -0.98 -9.24
C SER A 159 1.08 -1.40 -7.80
N ALA A 160 1.52 -2.63 -7.56
CA ALA A 160 1.75 -3.09 -6.21
C ALA A 160 2.67 -4.30 -6.18
N VAL A 161 3.38 -4.47 -5.07
CA VAL A 161 4.28 -5.62 -4.87
C VAL A 161 4.17 -5.95 -3.37
N HIS A 162 4.11 -7.22 -3.02
CA HIS A 162 3.97 -7.59 -1.62
C HIS A 162 4.51 -9.01 -1.41
N PHE A 163 5.18 -9.24 -0.29
CA PHE A 163 5.71 -10.58 0.02
C PHE A 163 4.67 -11.31 0.85
N ASN A 164 4.65 -12.65 0.77
CA ASN A 164 3.74 -13.42 1.60
C ASN A 164 4.38 -13.54 3.00
N ARG A 165 3.73 -14.25 3.90
CA ARG A 165 4.18 -14.39 5.30
C ARG A 165 5.56 -14.99 5.55
N ASP A 166 5.98 -15.97 4.74
CA ASP A 166 7.31 -16.53 4.98
C ASP A 166 8.35 -15.96 4.02
N GLY A 167 7.92 -14.97 3.25
CA GLY A 167 8.81 -14.30 2.31
C GLY A 167 9.17 -15.05 1.05
N SER A 168 8.71 -16.28 0.90
CA SER A 168 9.06 -17.07 -0.28
C SER A 168 8.34 -16.65 -1.56
N LEU A 169 7.27 -15.87 -1.44
CA LEU A 169 6.52 -15.45 -2.61
C LEU A 169 6.33 -13.94 -2.66
N ILE A 170 6.17 -13.43 -3.86
CA ILE A 170 5.92 -12.01 -4.11
C ILE A 170 4.72 -11.95 -5.03
N VAL A 171 3.77 -11.07 -4.74
CA VAL A 171 2.64 -10.93 -5.66
C VAL A 171 2.75 -9.52 -6.24
N SER A 172 2.59 -9.41 -7.55
CA SER A 172 2.66 -8.12 -8.20
C SER A 172 1.39 -7.91 -9.04
N SER A 173 1.06 -6.64 -9.27
CA SER A 173 -0.13 -6.30 -10.05
C SER A 173 0.25 -5.21 -11.05
N SER A 174 -0.55 -5.09 -12.11
CA SER A 174 -0.24 -4.10 -13.14
C SER A 174 -1.43 -3.64 -13.93
N TYR A 175 -1.26 -2.49 -14.59
CA TYR A 175 -2.27 -1.95 -15.47
C TYR A 175 -2.46 -2.87 -16.67
N ASP A 176 -1.58 -3.85 -16.86
CA ASP A 176 -1.74 -4.77 -17.98
C ASP A 176 -2.85 -5.77 -17.67
N GLY A 177 -3.48 -5.62 -16.52
CA GLY A 177 -4.58 -6.47 -16.12
C GLY A 177 -4.21 -7.77 -15.45
N LEU A 178 -2.92 -7.98 -15.22
CA LEU A 178 -2.52 -9.24 -14.58
C LEU A 178 -2.04 -9.10 -13.15
N CYS A 179 -2.16 -10.21 -12.43
CA CYS A 179 -1.66 -10.32 -11.08
C CYS A 179 -0.84 -11.59 -11.19
N ARG A 180 0.44 -11.49 -10.85
CA ARG A 180 1.32 -12.66 -10.94
C ARG A 180 2.00 -12.96 -9.63
N ILE A 181 2.31 -14.24 -9.40
CA ILE A 181 2.99 -14.62 -8.16
C ILE A 181 4.35 -15.15 -8.53
N TRP A 182 5.37 -14.62 -7.86
CA TRP A 182 6.77 -14.99 -8.12
C TRP A 182 7.47 -15.70 -6.97
N ASP A 183 8.38 -16.59 -7.33
CA ASP A 183 9.21 -17.31 -6.37
C ASP A 183 10.33 -16.35 -6.07
N THR A 184 10.43 -15.92 -4.81
CA THR A 184 11.46 -14.96 -4.44
C THR A 184 12.90 -15.38 -4.69
N ALA A 185 13.25 -16.59 -4.27
CA ALA A 185 14.64 -17.06 -4.42
C ALA A 185 15.12 -17.12 -5.87
N SER A 186 14.24 -17.53 -6.79
CA SER A 186 14.64 -17.64 -8.19
C SER A 186 14.15 -16.51 -9.09
N GLY A 187 13.11 -15.81 -8.65
CA GLY A 187 12.59 -14.73 -9.47
C GLY A 187 11.70 -15.21 -10.61
N GLN A 188 11.52 -16.55 -10.71
CA GLN A 188 10.70 -17.11 -11.77
C GLN A 188 9.22 -17.06 -11.35
N CYS A 189 8.33 -16.92 -12.34
CA CYS A 189 6.90 -16.82 -12.08
C CYS A 189 6.26 -18.17 -11.72
N LEU A 190 5.50 -18.22 -10.63
CA LEU A 190 4.85 -19.43 -10.21
C LEU A 190 3.45 -19.52 -10.80
N LYS A 191 2.78 -18.38 -10.94
CA LYS A 191 1.42 -18.39 -11.46
C LYS A 191 0.94 -17.01 -11.87
N THR A 192 0.02 -16.97 -12.82
CA THR A 192 -0.59 -15.73 -13.28
C THR A 192 -2.09 -15.89 -13.10
N LEU A 193 -2.74 -14.88 -12.50
CA LEU A 193 -4.20 -14.90 -12.31
C LEU A 193 -4.83 -13.94 -13.33
N ILE A 194 -5.83 -14.39 -14.07
CA ILE A 194 -6.54 -13.53 -15.02
C ILE A 194 -8.04 -13.84 -14.92
N ASP A 195 -8.87 -12.79 -14.82
CA ASP A 195 -10.32 -12.96 -14.76
C ASP A 195 -10.80 -13.25 -16.18
N ASP A 196 -12.12 -13.28 -16.37
CA ASP A 196 -12.67 -13.51 -17.69
C ASP A 196 -12.32 -12.28 -18.54
N ASP A 197 -11.91 -11.21 -17.85
CA ASP A 197 -11.55 -9.96 -18.49
C ASP A 197 -10.22 -9.49 -17.86
N ASN A 198 -9.69 -8.36 -18.33
CA ASN A 198 -8.45 -7.85 -17.78
C ASN A 198 -8.40 -6.34 -17.52
N PRO A 199 -9.34 -5.83 -16.72
CA PRO A 199 -9.30 -4.38 -16.44
C PRO A 199 -8.00 -4.13 -15.64
N PRO A 200 -7.47 -2.90 -15.66
CA PRO A 200 -6.24 -2.59 -14.92
C PRO A 200 -6.33 -3.07 -13.46
N VAL A 201 -5.28 -3.74 -12.99
CA VAL A 201 -5.26 -4.20 -11.61
C VAL A 201 -4.46 -3.12 -10.87
N SER A 202 -5.15 -2.39 -10.01
CA SER A 202 -4.57 -1.24 -9.31
C SER A 202 -3.93 -1.50 -7.95
N PHE A 203 -4.17 -2.66 -7.38
CA PHE A 203 -3.58 -2.98 -6.09
C PHE A 203 -3.70 -4.45 -5.79
N VAL A 204 -2.73 -4.99 -5.03
CA VAL A 204 -2.80 -6.37 -4.65
C VAL A 204 -1.97 -6.61 -3.39
N LYS A 205 -2.35 -7.60 -2.60
CA LYS A 205 -1.59 -7.98 -1.42
C LYS A 205 -2.07 -9.33 -0.94
N PHE A 206 -1.18 -10.07 -0.28
CA PHE A 206 -1.55 -11.37 0.27
C PHE A 206 -2.32 -11.11 1.55
N SER A 207 -3.18 -12.05 1.92
CA SER A 207 -3.93 -11.98 3.16
C SER A 207 -2.91 -12.29 4.28
N PRO A 208 -3.29 -12.06 5.55
CA PRO A 208 -2.37 -12.32 6.66
C PRO A 208 -1.70 -13.70 6.66
N ASN A 209 -2.45 -14.73 6.35
CA ASN A 209 -1.88 -16.08 6.36
C ASN A 209 -1.23 -16.48 5.04
N GLY A 210 -1.28 -15.58 4.06
CA GLY A 210 -0.67 -15.84 2.77
C GLY A 210 -1.45 -16.80 1.88
N LYS A 211 -2.65 -17.19 2.28
CA LYS A 211 -3.44 -18.11 1.48
C LYS A 211 -4.26 -17.40 0.41
N TYR A 212 -4.69 -16.18 0.70
CA TYR A 212 -5.50 -15.42 -0.24
C TYR A 212 -4.78 -14.19 -0.76
N ILE A 213 -5.39 -13.58 -1.76
CA ILE A 213 -4.86 -12.38 -2.39
C ILE A 213 -6.01 -11.41 -2.65
N LEU A 214 -5.90 -10.21 -2.07
CA LEU A 214 -6.89 -9.16 -2.20
C LEU A 214 -6.45 -8.29 -3.38
N ALA A 215 -7.34 -8.14 -4.36
CA ALA A 215 -7.01 -7.37 -5.56
C ALA A 215 -8.03 -6.32 -5.95
N ALA A 216 -7.55 -5.13 -6.31
CA ALA A 216 -8.43 -4.06 -6.73
C ALA A 216 -8.27 -3.88 -8.22
N THR A 217 -9.38 -3.66 -8.93
CA THR A 217 -9.35 -3.41 -10.37
C THR A 217 -10.10 -2.10 -10.60
N LEU A 218 -9.69 -1.38 -11.64
CA LEU A 218 -10.28 -0.08 -11.93
C LEU A 218 -11.64 -0.13 -12.59
N ASP A 219 -12.51 -0.97 -12.02
CA ASP A 219 -13.88 -1.09 -12.49
C ASP A 219 -14.74 -1.12 -11.24
N ASN A 220 -14.31 -0.36 -10.22
CA ASN A 220 -15.03 -0.27 -8.96
C ASN A 220 -15.20 -1.63 -8.29
N THR A 221 -14.17 -2.48 -8.36
CA THR A 221 -14.26 -3.81 -7.77
C THR A 221 -13.02 -4.29 -7.05
N LEU A 222 -13.25 -4.93 -5.90
CA LEU A 222 -12.23 -5.58 -5.08
C LEU A 222 -12.60 -7.05 -5.07
N LYS A 223 -11.61 -7.92 -5.15
CA LYS A 223 -11.82 -9.37 -5.14
C LYS A 223 -10.81 -10.07 -4.28
N LEU A 224 -11.27 -11.12 -3.59
CA LEU A 224 -10.42 -11.92 -2.74
C LEU A 224 -10.27 -13.25 -3.47
N TRP A 225 -9.03 -13.56 -3.86
CA TRP A 225 -8.70 -14.78 -4.59
C TRP A 225 -8.05 -15.85 -3.72
N ASP A 226 -8.31 -17.11 -4.03
CA ASP A 226 -7.70 -18.23 -3.33
C ASP A 226 -6.45 -18.42 -4.17
N TYR A 227 -5.27 -18.30 -3.54
CA TYR A 227 -4.03 -18.44 -4.30
C TYR A 227 -3.84 -19.86 -4.85
N SER A 228 -3.88 -20.86 -3.96
CA SER A 228 -3.68 -22.24 -4.38
C SER A 228 -4.63 -22.67 -5.50
N LYS A 229 -5.90 -22.28 -5.40
CA LYS A 229 -6.89 -22.65 -6.42
C LYS A 229 -6.98 -21.67 -7.57
N GLY A 230 -6.45 -20.47 -7.40
CA GLY A 230 -6.53 -19.46 -8.45
C GLY A 230 -7.96 -19.10 -8.80
N LYS A 231 -8.84 -19.11 -7.81
CA LYS A 231 -10.24 -18.77 -8.05
C LYS A 231 -10.72 -17.66 -7.15
N CYS A 232 -11.66 -16.86 -7.63
CA CYS A 232 -12.22 -15.76 -6.87
C CYS A 232 -13.25 -16.25 -5.84
N LEU A 233 -12.99 -15.95 -4.57
CA LEU A 233 -13.86 -16.37 -3.49
C LEU A 233 -14.88 -15.31 -3.07
N LYS A 234 -14.51 -14.05 -3.16
CA LYS A 234 -15.38 -12.96 -2.74
C LYS A 234 -15.21 -11.75 -3.65
N THR A 235 -16.28 -10.99 -3.84
CA THR A 235 -16.25 -9.78 -4.64
C THR A 235 -16.86 -8.66 -3.80
N TYR A 236 -16.23 -7.49 -3.80
CA TYR A 236 -16.72 -6.37 -3.01
C TYR A 236 -16.92 -5.18 -3.93
N THR A 237 -18.09 -4.56 -3.83
CA THR A 237 -18.41 -3.44 -4.69
C THR A 237 -19.20 -2.37 -3.94
N GLY A 238 -19.52 -1.27 -4.63
CA GLY A 238 -20.28 -0.21 -4.00
C GLY A 238 -19.53 1.11 -3.89
N HIS A 239 -18.21 1.05 -3.96
CA HIS A 239 -17.39 2.24 -3.86
C HIS A 239 -17.08 2.68 -5.29
N LYS A 240 -16.28 3.73 -5.42
CA LYS A 240 -15.88 4.27 -6.72
C LYS A 240 -14.36 4.15 -6.91
N ASN A 241 -13.96 3.39 -7.91
CA ASN A 241 -12.53 3.23 -8.16
C ASN A 241 -12.29 2.88 -9.62
N GLU A 242 -12.08 3.93 -10.43
CA GLU A 242 -11.83 3.76 -11.85
C GLU A 242 -10.65 4.58 -12.31
N LYS A 243 -10.12 5.42 -11.44
CA LYS A 243 -9.00 6.29 -11.83
C LYS A 243 -7.68 6.19 -11.06
N TYR A 244 -7.74 5.95 -9.75
CA TYR A 244 -6.51 5.94 -8.97
C TYR A 244 -6.16 4.59 -8.38
N CYS A 245 -4.88 4.37 -8.12
CA CYS A 245 -4.50 3.14 -7.48
C CYS A 245 -4.75 3.36 -5.99
N ILE A 246 -5.85 2.79 -5.52
CA ILE A 246 -6.26 2.90 -4.13
C ILE A 246 -5.96 1.61 -3.35
N PHE A 247 -5.28 1.76 -2.21
CA PHE A 247 -4.94 0.63 -1.36
C PHE A 247 -6.20 -0.01 -0.79
N ALA A 248 -6.08 -1.26 -0.36
CA ALA A 248 -7.16 -1.97 0.30
C ALA A 248 -6.50 -2.76 1.45
N ASN A 249 -7.22 -2.98 2.54
CA ASN A 249 -6.61 -3.68 3.67
C ASN A 249 -7.50 -4.76 4.24
N PHE A 250 -6.87 -5.64 5.00
CA PHE A 250 -7.61 -6.65 5.78
C PHE A 250 -7.62 -6.02 7.21
N SER A 251 -8.77 -5.83 7.81
CA SER A 251 -8.79 -5.32 9.18
C SER A 251 -9.05 -6.57 10.04
N VAL A 252 -8.15 -6.89 10.96
CA VAL A 252 -8.26 -8.11 11.76
C VAL A 252 -8.27 -7.95 13.28
N THR A 253 -8.12 -6.73 13.79
CA THR A 253 -8.12 -6.53 15.24
C THR A 253 -9.45 -6.77 15.94
N GLY A 254 -10.56 -6.52 15.24
CA GLY A 254 -11.88 -6.73 15.79
C GLY A 254 -12.66 -7.57 14.80
N GLY A 255 -13.72 -7.02 14.24
CA GLY A 255 -14.47 -7.76 13.23
C GLY A 255 -13.59 -7.91 12.01
N LYS A 256 -13.79 -8.97 11.21
CA LYS A 256 -12.95 -9.18 10.03
C LYS A 256 -13.54 -8.43 8.84
N TRP A 257 -12.92 -7.30 8.52
CA TRP A 257 -13.38 -6.47 7.43
C TRP A 257 -12.40 -6.34 6.30
N ILE A 258 -12.86 -5.69 5.26
CA ILE A 258 -12.06 -5.33 4.10
C ILE A 258 -12.23 -3.82 4.14
N VAL A 259 -11.14 -3.08 4.02
CA VAL A 259 -11.19 -1.62 4.09
C VAL A 259 -10.60 -1.00 2.83
N SER A 260 -11.22 0.07 2.35
CA SER A 260 -10.71 0.74 1.16
C SER A 260 -11.16 2.18 1.02
N GLY A 261 -10.30 3.00 0.45
CA GLY A 261 -10.68 4.36 0.16
C GLY A 261 -11.56 4.33 -1.07
N SER A 262 -12.00 5.50 -1.53
CA SER A 262 -12.88 5.56 -2.68
C SER A 262 -12.84 6.94 -3.32
N GLU A 263 -13.16 7.00 -4.61
CA GLU A 263 -13.15 8.25 -5.34
C GLU A 263 -14.33 9.18 -5.06
N ASP A 264 -15.21 8.75 -4.15
CA ASP A 264 -16.34 9.60 -3.73
C ASP A 264 -16.03 10.16 -2.35
N ASN A 265 -14.74 10.20 -2.02
CA ASN A 265 -14.20 10.74 -0.76
C ASN A 265 -14.52 9.99 0.54
N LEU A 266 -15.01 8.77 0.45
CA LEU A 266 -15.35 8.00 1.65
C LEU A 266 -14.43 6.82 1.84
N VAL A 267 -14.40 6.31 3.07
CA VAL A 267 -13.64 5.11 3.38
C VAL A 267 -14.73 4.04 3.46
N TYR A 268 -14.59 2.96 2.69
CA TYR A 268 -15.58 1.89 2.74
C TYR A 268 -15.08 0.72 3.56
N ILE A 269 -15.99 0.12 4.33
CA ILE A 269 -15.66 -1.04 5.17
C ILE A 269 -16.69 -2.14 4.88
N TRP A 270 -16.21 -3.30 4.45
CA TRP A 270 -17.09 -4.43 4.13
C TRP A 270 -16.86 -5.59 5.08
N ASN A 271 -17.89 -6.40 5.28
CA ASN A 271 -17.76 -7.62 6.08
C ASN A 271 -17.08 -8.58 5.08
N LEU A 272 -15.95 -9.15 5.48
CA LEU A 272 -15.21 -10.01 4.56
C LEU A 272 -15.99 -11.19 4.03
N GLN A 273 -16.68 -11.90 4.93
CA GLN A 273 -17.45 -13.07 4.52
C GLN A 273 -18.74 -12.77 3.76
N THR A 274 -19.52 -11.82 4.26
CA THR A 274 -20.80 -11.50 3.62
C THR A 274 -20.71 -10.55 2.46
N LYS A 275 -19.62 -9.79 2.39
CA LYS A 275 -19.39 -8.84 1.32
C LYS A 275 -20.31 -7.62 1.41
N GLU A 276 -21.09 -7.55 2.48
CA GLU A 276 -22.00 -6.43 2.67
C GLU A 276 -21.17 -5.28 3.23
N ILE A 277 -21.53 -4.05 2.85
CA ILE A 277 -20.85 -2.85 3.33
C ILE A 277 -21.40 -2.63 4.73
N VAL A 278 -20.52 -2.46 5.71
CA VAL A 278 -20.97 -2.25 7.09
C VAL A 278 -20.76 -0.84 7.61
N GLN A 279 -19.94 -0.04 6.92
CA GLN A 279 -19.75 1.35 7.32
C GLN A 279 -19.04 2.16 6.25
N LYS A 280 -19.43 3.43 6.15
CA LYS A 280 -18.81 4.35 5.21
C LYS A 280 -18.40 5.57 6.04
N LEU A 281 -17.12 5.88 6.06
CA LEU A 281 -16.59 6.99 6.86
C LEU A 281 -16.57 8.29 6.05
N GLN A 282 -17.31 9.27 6.51
CA GLN A 282 -17.41 10.56 5.82
C GLN A 282 -16.56 11.65 6.47
N GLY A 283 -15.91 12.45 5.69
CA GLY A 283 -15.08 13.51 6.28
C GLY A 283 -14.08 14.13 5.35
N HIS A 284 -13.36 13.30 4.59
CA HIS A 284 -12.38 13.82 3.65
C HIS A 284 -13.08 14.63 2.55
N THR A 285 -12.35 15.57 1.95
CA THR A 285 -12.92 16.40 0.91
C THR A 285 -12.24 16.18 -0.45
N ASP A 286 -11.69 14.99 -0.62
CA ASP A 286 -11.08 14.61 -1.88
C ASP A 286 -10.92 13.10 -1.83
N VAL A 287 -10.55 12.54 -2.96
CA VAL A 287 -10.36 11.10 -3.07
C VAL A 287 -9.53 10.51 -1.95
N VAL A 288 -10.04 9.47 -1.31
CA VAL A 288 -9.28 8.79 -0.26
C VAL A 288 -8.46 7.75 -1.02
N ILE A 289 -7.17 8.06 -1.13
CA ILE A 289 -6.22 7.26 -1.89
C ILE A 289 -5.56 6.13 -1.10
N SER A 290 -5.57 6.26 0.21
CA SER A 290 -4.89 5.29 1.04
C SER A 290 -5.50 5.13 2.43
N THR A 291 -5.54 3.89 2.88
CA THR A 291 -6.04 3.54 4.20
C THR A 291 -5.10 2.50 4.78
N ALA A 292 -5.03 2.47 6.11
CA ALA A 292 -4.20 1.49 6.81
C ALA A 292 -4.93 1.14 8.11
N CYS A 293 -4.74 -0.09 8.56
CA CYS A 293 -5.37 -0.61 9.76
C CYS A 293 -4.33 -0.90 10.83
N HIS A 294 -4.53 -0.37 12.03
CA HIS A 294 -3.59 -0.57 13.13
C HIS A 294 -3.34 -2.05 13.43
N PRO A 295 -2.10 -2.44 13.75
CA PRO A 295 -1.85 -3.85 14.04
C PRO A 295 -2.46 -4.46 15.32
N THR A 296 -2.84 -3.62 16.28
CA THR A 296 -3.43 -4.19 17.51
C THR A 296 -4.72 -3.51 17.96
N GLU A 297 -4.89 -2.24 17.65
CA GLU A 297 -6.09 -1.49 18.00
C GLU A 297 -7.03 -1.32 16.79
N ASN A 298 -8.32 -1.12 17.06
CA ASN A 298 -9.32 -0.94 16.01
C ASN A 298 -9.21 0.52 15.58
N ILE A 299 -8.17 0.81 14.82
CA ILE A 299 -7.91 2.18 14.37
C ILE A 299 -7.59 2.14 12.88
N ILE A 300 -8.17 3.07 12.14
CA ILE A 300 -7.96 3.19 10.71
C ILE A 300 -7.34 4.56 10.43
N ALA A 301 -6.34 4.61 9.55
CA ALA A 301 -5.77 5.89 9.14
C ALA A 301 -6.19 6.01 7.69
N SER A 302 -6.57 7.21 7.28
CA SER A 302 -6.98 7.44 5.89
C SER A 302 -6.31 8.70 5.37
N ALA A 303 -6.03 8.75 4.06
CA ALA A 303 -5.39 9.92 3.49
C ALA A 303 -6.06 10.32 2.19
N ALA A 304 -6.08 11.62 1.90
CA ALA A 304 -6.76 12.15 0.72
C ALA A 304 -5.92 12.97 -0.24
N LEU A 305 -6.44 13.17 -1.45
CA LEU A 305 -5.71 13.93 -2.45
C LEU A 305 -5.73 15.45 -2.27
N GLU A 306 -5.22 16.14 -3.28
CA GLU A 306 -5.01 17.60 -3.29
C GLU A 306 -5.93 18.57 -2.62
N ASN A 307 -7.24 18.42 -2.78
CA ASN A 307 -8.15 19.37 -2.17
C ASN A 307 -8.27 19.19 -0.67
N ASP A 308 -7.72 18.09 -0.17
CA ASP A 308 -7.77 17.75 1.24
C ASP A 308 -6.36 17.74 1.86
N LYS A 309 -5.50 16.85 1.35
CA LYS A 309 -4.13 16.74 1.83
C LYS A 309 -3.96 16.41 3.31
N THR A 310 -5.02 15.96 3.99
CA THR A 310 -4.90 15.61 5.40
C THR A 310 -5.01 14.11 5.61
N ILE A 311 -4.64 13.68 6.81
CA ILE A 311 -4.73 12.28 7.22
C ILE A 311 -5.69 12.26 8.40
N LYS A 312 -6.60 11.28 8.40
CA LYS A 312 -7.56 11.16 9.48
C LYS A 312 -7.39 9.83 10.21
N LEU A 313 -7.55 9.87 11.53
CA LEU A 313 -7.43 8.68 12.37
C LEU A 313 -8.83 8.44 12.94
N TRP A 314 -9.34 7.23 12.71
CA TRP A 314 -10.67 6.83 13.15
C TRP A 314 -10.52 5.67 14.12
N LYS A 315 -11.40 5.60 15.11
CA LYS A 315 -11.34 4.50 16.08
C LYS A 315 -12.69 3.88 16.29
N SER A 316 -12.72 2.58 16.42
CA SER A 316 -13.98 1.84 16.62
C SER A 316 -13.90 1.02 17.90
N ASP A 317 -15.06 0.72 18.48
CA ASP A 317 -15.11 -0.07 19.70
C ASP A 317 -15.00 -1.56 19.33
N CYS A 318 -15.24 -1.88 18.08
CA CYS A 318 -15.17 -3.27 17.65
C CYS A 318 -14.67 -3.45 16.22
N ALA B 2 3.12 10.77 -9.57
CA ALA B 2 2.99 9.74 -8.50
C ALA B 2 1.59 9.17 -8.48
N 2MR B 3 1.33 8.33 -7.48
CA 2MR B 3 0.03 7.71 -7.26
CB 2MR B 3 0.11 6.90 -5.98
CG 2MR B 3 -1.19 6.26 -5.55
CD 2MR B 3 -1.03 5.63 -4.15
NE 2MR B 3 -0.04 4.55 -4.08
CZ 2MR B 3 -0.43 3.27 -4.18
NH1 2MR B 3 -1.73 3.00 -4.36
CQ1 2MR B 3 -2.18 1.61 -4.47
NH2 2MR B 3 0.46 2.30 -4.06
CQ2 2MR B 3 1.84 2.59 -3.86
C 2MR B 3 -1.07 8.78 -7.14
O 2MR B 3 -2.25 8.49 -7.39
N THR B 4 -0.69 9.99 -6.73
CA THR B 4 -1.63 11.08 -6.53
C THR B 4 -2.20 11.69 -7.81
N LYS B 5 -1.69 11.27 -8.96
CA LYS B 5 -2.20 11.73 -10.24
C LYS B 5 -2.73 10.55 -11.02
N GLN B 6 -3.68 10.81 -11.91
CA GLN B 6 -4.29 9.77 -12.70
C GLN B 6 -3.42 9.39 -13.89
N THR B 7 -3.13 8.10 -14.01
CA THR B 7 -2.32 7.58 -15.09
C THR B 7 -3.08 6.54 -15.92
N ALA B 8 -2.48 5.98 -16.85
#